data_1V6Y
#
_entry.id   1V6Y
#
_cell.length_a   48.480
_cell.length_b   57.190
_cell.length_c   106.670
_cell.angle_alpha   90.00
_cell.angle_beta   90.00
_cell.angle_gamma   90.00
#
_symmetry.space_group_name_H-M   'P 21 21 21'
#
loop_
_entity.id
_entity.type
_entity.pdbx_description
1 polymer Beta-xylanase,Exoglucanase/xylanase
2 water water
#
_entity_poly.entity_id   1
_entity_poly.type   'polypeptide(L)'
_entity_poly.pdbx_seq_one_letter_code
;AESTLGAAAAQSGRYFGTAIASGKLGDSAYTTIASREFNMVTAENEMKIDATEPQRGQFNFSAGDRVYNWAVQNGKQVRG
HTLAWHSQQPGWMQSLSGSTLRQAMIDHINGVMGHYKGKIAQWDVVNEAFSDDGSGGRRDSNLQRTGNDWIEVAFRTARA
ADPAAKLCYNDYNIENWTWAKTQGVYNMVRDFKQRGVPIDCVGFQSHLIVGQVPGDFRQNLQRFADLGVDVRITELDIRM
RTPSDATKLATQAADYKKVVQACMQVTRCQGVTVWGITDKYSWVPDVFPGEGAALVWDASYAKKPAYAAVMEAFGSRSHH
HHHH
;
_entity_poly.pdbx_strand_id   A
#
# COMPACT_ATOMS: atom_id res chain seq x y z
N SER A 3 -0.77 0.78 24.64
CA SER A 3 0.30 1.82 24.65
C SER A 3 1.03 1.87 23.32
N THR A 4 0.55 1.12 22.33
CA THR A 4 1.17 1.12 21.02
C THR A 4 0.13 1.56 19.98
N LEU A 5 0.59 1.90 18.77
CA LEU A 5 -0.32 2.33 17.72
C LEU A 5 -1.16 1.17 17.24
N GLY A 6 -0.53 0.01 17.05
CA GLY A 6 -1.25 -1.17 16.60
C GLY A 6 -2.36 -1.53 17.58
N ALA A 7 -2.06 -1.44 18.86
CA ALA A 7 -3.05 -1.76 19.89
C ALA A 7 -4.20 -0.77 19.87
N ALA A 8 -3.88 0.52 19.68
CA ALA A 8 -4.92 1.54 19.64
C ALA A 8 -5.84 1.28 18.45
N ALA A 9 -5.25 0.97 17.30
CA ALA A 9 -6.02 0.69 16.10
C ALA A 9 -6.88 -0.55 16.32
N ALA A 10 -6.31 -1.52 17.02
CA ALA A 10 -7.01 -2.77 17.30
C ALA A 10 -8.30 -2.58 18.10
N GLN A 11 -8.35 -1.53 18.92
CA GLN A 11 -9.55 -1.26 19.72
C GLN A 11 -10.81 -1.16 18.88
N SER A 12 -10.68 -0.68 17.64
CA SER A 12 -11.84 -0.56 16.76
C SER A 12 -11.81 -1.62 15.67
N GLY A 13 -11.01 -2.66 15.88
CA GLY A 13 -10.93 -3.73 14.90
C GLY A 13 -10.09 -3.35 13.69
N ARG A 14 -9.30 -2.28 13.82
CA ARG A 14 -8.45 -1.87 12.72
C ARG A 14 -7.00 -2.23 13.01
N TYR A 15 -6.12 -1.97 12.06
CA TYR A 15 -4.71 -2.25 12.25
C TYR A 15 -3.88 -1.04 11.87
N PHE A 16 -2.65 -1.03 12.34
CA PHE A 16 -1.72 0.04 11.99
C PHE A 16 -0.48 -0.72 11.58
N GLY A 17 -0.12 -0.60 10.31
CA GLY A 17 1.04 -1.32 9.83
C GLY A 17 2.12 -0.44 9.24
N THR A 18 3.18 -1.10 8.77
CA THR A 18 4.29 -0.38 8.17
C THR A 18 4.90 -1.26 7.10
N ALA A 19 5.80 -0.67 6.31
CA ALA A 19 6.49 -1.40 5.26
C ALA A 19 7.77 -1.86 5.93
N ILE A 20 8.12 -3.13 5.77
CA ILE A 20 9.33 -3.65 6.38
C ILE A 20 10.38 -4.01 5.34
N ALA A 21 11.60 -3.50 5.55
CA ALA A 21 12.71 -3.79 4.65
C ALA A 21 13.59 -4.82 5.36
N SER A 22 13.62 -6.04 4.83
CA SER A 22 14.42 -7.10 5.43
C SER A 22 15.86 -6.66 5.71
N GLY A 23 16.39 -5.83 4.83
CA GLY A 23 17.75 -5.35 5.00
C GLY A 23 17.96 -4.54 6.27
N LYS A 24 16.87 -4.04 6.85
CA LYS A 24 16.94 -3.25 8.06
C LYS A 24 16.62 -4.05 9.32
N LEU A 25 16.33 -5.34 9.14
CA LEU A 25 15.99 -6.19 10.29
C LEU A 25 17.18 -6.40 11.21
N GLY A 26 18.32 -5.81 10.86
CA GLY A 26 19.51 -5.94 11.67
C GLY A 26 19.67 -4.71 12.55
N ASP A 27 18.94 -3.65 12.17
CA ASP A 27 18.97 -2.40 12.92
C ASP A 27 18.11 -2.59 14.17
N SER A 28 18.77 -2.70 15.32
CA SER A 28 18.07 -2.90 16.59
C SER A 28 17.00 -1.85 16.86
N ALA A 29 17.34 -0.59 16.64
CA ALA A 29 16.40 0.51 16.86
C ALA A 29 15.20 0.34 15.93
N TYR A 30 15.49 -0.08 14.70
CA TYR A 30 14.47 -0.27 13.69
C TYR A 30 13.53 -1.43 14.05
N THR A 31 14.12 -2.58 14.35
CA THR A 31 13.34 -3.76 14.69
C THR A 31 12.55 -3.60 15.99
N THR A 32 13.11 -2.85 16.94
CA THR A 32 12.44 -2.62 18.21
C THR A 32 11.07 -1.97 17.98
N ILE A 33 11.06 -0.89 17.21
CA ILE A 33 9.83 -0.17 16.90
C ILE A 33 8.92 -1.04 16.05
N ALA A 34 9.53 -1.73 15.10
CA ALA A 34 8.79 -2.60 14.19
C ALA A 34 7.95 -3.67 14.90
N SER A 35 8.54 -4.37 15.86
CA SER A 35 7.79 -5.42 16.54
C SER A 35 6.79 -4.93 17.58
N ARG A 36 7.05 -3.77 18.16
CA ARG A 36 6.17 -3.25 19.19
C ARG A 36 5.00 -2.42 18.72
N GLU A 37 5.25 -1.48 17.82
CA GLU A 37 4.22 -0.56 17.36
C GLU A 37 3.21 -0.99 16.30
N PHE A 38 3.58 -1.93 15.44
CA PHE A 38 2.67 -2.33 14.37
C PHE A 38 2.12 -3.74 14.49
N ASN A 39 0.92 -3.95 13.95
CA ASN A 39 0.30 -5.26 13.98
C ASN A 39 -0.01 -5.72 12.56
N MET A 40 0.52 -4.99 11.58
CA MET A 40 0.35 -5.32 10.17
C MET A 40 1.64 -5.01 9.45
N VAL A 41 2.01 -5.86 8.50
CA VAL A 41 3.26 -5.69 7.77
C VAL A 41 3.17 -5.86 6.26
N THR A 42 3.86 -4.99 5.53
CA THR A 42 3.94 -5.07 4.08
C THR A 42 5.43 -5.18 3.78
N ALA A 43 5.81 -6.08 2.88
CA ALA A 43 7.22 -6.17 2.54
C ALA A 43 7.47 -4.95 1.65
N GLU A 44 8.47 -4.17 1.99
CA GLU A 44 8.76 -2.98 1.20
C GLU A 44 9.16 -3.30 -0.23
N ASN A 45 9.94 -4.36 -0.43
CA ASN A 45 10.38 -4.74 -1.76
C ASN A 45 10.42 -6.25 -2.01
N GLU A 46 10.61 -7.01 -0.94
CA GLU A 46 10.74 -8.47 -0.99
C GLU A 46 9.71 -9.30 -1.73
N MET A 47 8.52 -8.76 -1.96
CA MET A 47 7.49 -9.52 -2.65
C MET A 47 7.06 -8.98 -4.00
N LYS A 48 7.87 -8.06 -4.54
CA LYS A 48 7.57 -7.49 -5.85
C LYS A 48 7.99 -8.49 -6.92
N ILE A 49 7.64 -8.21 -8.16
CA ILE A 49 7.93 -9.10 -9.27
C ILE A 49 9.40 -9.47 -9.45
N ASP A 50 10.28 -8.47 -9.48
CA ASP A 50 11.70 -8.72 -9.69
C ASP A 50 12.36 -9.49 -8.55
N ALA A 51 11.86 -9.30 -7.33
CA ALA A 51 12.41 -9.97 -6.16
C ALA A 51 11.95 -11.42 -6.05
N THR A 52 10.74 -11.70 -6.52
CA THR A 52 10.17 -13.03 -6.44
C THR A 52 10.38 -13.93 -7.67
N GLU A 53 10.52 -13.33 -8.84
CA GLU A 53 10.75 -14.13 -10.04
C GLU A 53 11.84 -13.49 -10.88
N PRO A 54 13.10 -13.58 -10.42
CA PRO A 54 14.32 -13.05 -11.04
C PRO A 54 14.50 -13.54 -12.47
N GLN A 55 14.18 -14.81 -12.66
CA GLN A 55 14.26 -15.45 -13.97
C GLN A 55 12.89 -16.05 -14.21
N ARG A 56 12.40 -15.96 -15.45
CA ARG A 56 11.08 -16.49 -15.75
C ARG A 56 10.96 -17.93 -15.28
N GLY A 57 9.88 -18.21 -14.55
CA GLY A 57 9.65 -19.55 -14.05
C GLY A 57 10.55 -19.94 -12.88
N GLN A 58 11.54 -19.09 -12.58
CA GLN A 58 12.46 -19.37 -11.50
C GLN A 58 12.16 -18.46 -10.31
N PHE A 59 11.26 -18.91 -9.44
CA PHE A 59 10.86 -18.12 -8.29
C PHE A 59 11.85 -18.25 -7.12
N ASN A 60 12.05 -17.13 -6.43
CA ASN A 60 12.93 -17.09 -5.28
C ASN A 60 12.20 -16.32 -4.20
N PHE A 61 11.76 -17.04 -3.17
CA PHE A 61 11.01 -16.42 -2.09
C PHE A 61 11.84 -16.19 -0.83
N SER A 62 13.16 -16.22 -0.97
CA SER A 62 14.04 -16.03 0.18
C SER A 62 13.78 -14.74 0.92
N ALA A 63 13.91 -13.61 0.23
CA ALA A 63 13.68 -12.31 0.84
C ALA A 63 12.26 -12.18 1.33
N GLY A 64 11.30 -12.57 0.49
CA GLY A 64 9.90 -12.48 0.87
C GLY A 64 9.59 -13.29 2.10
N ASP A 65 10.05 -14.54 2.14
CA ASP A 65 9.80 -15.39 3.30
C ASP A 65 10.51 -14.87 4.54
N ARG A 66 11.60 -14.13 4.33
CA ARG A 66 12.35 -13.56 5.44
C ARG A 66 11.41 -12.62 6.19
N VAL A 67 10.76 -11.75 5.43
CA VAL A 67 9.82 -10.77 5.99
C VAL A 67 8.58 -11.45 6.56
N TYR A 68 8.03 -12.43 5.84
CA TYR A 68 6.84 -13.13 6.30
C TYR A 68 7.07 -13.82 7.65
N ASN A 69 8.17 -14.57 7.74
CA ASN A 69 8.51 -15.28 8.97
C ASN A 69 8.68 -14.31 10.14
N TRP A 70 9.46 -13.26 9.91
CA TRP A 70 9.69 -12.26 10.94
C TRP A 70 8.33 -11.76 11.43
N ALA A 71 7.50 -11.32 10.50
CA ALA A 71 6.18 -10.78 10.81
C ALA A 71 5.35 -11.76 11.63
N VAL A 72 5.26 -13.00 11.14
CA VAL A 72 4.51 -14.03 11.84
C VAL A 72 5.11 -14.29 13.21
N GLN A 73 6.44 -14.39 13.27
CA GLN A 73 7.14 -14.62 14.51
C GLN A 73 6.79 -13.53 15.53
N ASN A 74 6.53 -12.33 15.03
CA ASN A 74 6.21 -11.21 15.88
C ASN A 74 4.71 -10.91 16.00
N GLY A 75 3.89 -11.92 15.72
CA GLY A 75 2.45 -11.76 15.81
C GLY A 75 1.83 -10.68 14.93
N LYS A 76 2.28 -10.60 13.69
CA LYS A 76 1.75 -9.61 12.75
C LYS A 76 1.21 -10.24 11.47
N GLN A 77 0.20 -9.63 10.88
CA GLN A 77 -0.35 -10.14 9.64
C GLN A 77 0.46 -9.50 8.53
N VAL A 78 0.42 -10.07 7.33
CA VAL A 78 1.19 -9.52 6.23
C VAL A 78 0.33 -9.18 5.02
N ARG A 79 0.59 -8.01 4.43
CA ARG A 79 -0.12 -7.58 3.23
C ARG A 79 0.78 -7.92 2.05
N GLY A 80 0.26 -8.69 1.09
CA GLY A 80 1.06 -9.06 -0.06
C GLY A 80 1.18 -7.87 -1.02
N HIS A 81 2.40 -7.53 -1.40
CA HIS A 81 2.66 -6.41 -2.29
C HIS A 81 3.90 -6.70 -3.14
N THR A 82 3.77 -6.77 -4.47
CA THR A 82 2.52 -6.61 -5.20
C THR A 82 2.65 -7.60 -6.37
N LEU A 83 1.54 -8.03 -6.94
CA LEU A 83 1.59 -9.02 -8.02
C LEU A 83 1.74 -8.58 -9.48
N ALA A 84 1.13 -7.46 -9.83
CA ALA A 84 1.21 -6.95 -11.20
C ALA A 84 1.43 -5.46 -11.14
N TRP A 85 2.48 -5.01 -11.81
CA TRP A 85 2.85 -3.59 -11.77
C TRP A 85 3.79 -3.30 -12.93
N HIS A 86 3.78 -2.06 -13.42
CA HIS A 86 4.64 -1.70 -14.53
C HIS A 86 6.04 -1.42 -14.02
N SER A 87 6.13 -1.00 -12.76
CA SER A 87 7.42 -0.67 -12.15
C SER A 87 8.12 -1.87 -11.52
N GLN A 88 9.43 -1.77 -11.38
CA GLN A 88 10.26 -2.81 -10.80
C GLN A 88 10.06 -4.22 -11.37
N GLN A 89 10.04 -4.31 -12.69
CA GLN A 89 9.88 -5.60 -13.35
C GLN A 89 11.28 -6.10 -13.66
N PRO A 90 11.50 -7.42 -13.56
CA PRO A 90 12.84 -7.93 -13.87
C PRO A 90 13.13 -7.69 -15.35
N GLY A 91 14.41 -7.64 -15.71
CA GLY A 91 14.78 -7.39 -17.09
C GLY A 91 14.08 -8.27 -18.11
N TRP A 92 13.95 -9.56 -17.82
CA TRP A 92 13.29 -10.47 -18.75
C TRP A 92 11.84 -10.12 -19.01
N MET A 93 11.16 -9.59 -18.00
CA MET A 93 9.77 -9.22 -18.16
C MET A 93 9.64 -7.91 -18.92
N GLN A 94 10.55 -6.98 -18.64
CA GLN A 94 10.56 -5.68 -19.31
C GLN A 94 10.62 -5.89 -20.82
N SER A 95 11.39 -6.87 -21.25
CA SER A 95 11.56 -7.18 -22.67
C SER A 95 10.31 -7.81 -23.29
N LEU A 96 9.54 -8.53 -22.49
CA LEU A 96 8.34 -9.18 -22.99
C LEU A 96 7.24 -8.18 -23.32
N SER A 97 6.32 -8.60 -24.18
CA SER A 97 5.20 -7.77 -24.58
C SER A 97 4.16 -8.70 -25.19
N GLY A 98 2.99 -8.15 -25.49
CA GLY A 98 1.95 -8.97 -26.08
C GLY A 98 1.52 -10.14 -25.22
N SER A 99 1.07 -11.21 -25.88
CA SER A 99 0.59 -12.40 -25.21
C SER A 99 1.62 -13.07 -24.30
N THR A 100 2.89 -12.94 -24.62
CA THR A 100 3.92 -13.56 -23.79
C THR A 100 3.96 -12.86 -22.44
N LEU A 101 3.88 -11.54 -22.47
CA LEU A 101 3.90 -10.78 -21.22
C LEU A 101 2.64 -11.11 -20.42
N ARG A 102 1.51 -11.21 -21.11
CA ARG A 102 0.24 -11.53 -20.47
C ARG A 102 0.38 -12.86 -19.75
N GLN A 103 0.96 -13.84 -20.43
CA GLN A 103 1.15 -15.17 -19.86
C GLN A 103 2.15 -15.13 -18.71
N ALA A 104 3.21 -14.34 -18.87
CA ALA A 104 4.22 -14.22 -17.82
C ALA A 104 3.57 -13.61 -16.59
N MET A 105 2.69 -12.64 -16.82
CA MET A 105 1.99 -11.98 -15.70
C MET A 105 1.15 -13.01 -14.97
N ILE A 106 0.42 -13.82 -15.74
CA ILE A 106 -0.43 -14.85 -15.19
C ILE A 106 0.39 -15.90 -14.41
N ASP A 107 1.48 -16.38 -15.01
CA ASP A 107 2.31 -17.38 -14.34
C ASP A 107 2.86 -16.80 -13.05
N HIS A 108 3.19 -15.51 -13.07
CA HIS A 108 3.74 -14.87 -11.88
C HIS A 108 2.74 -14.87 -10.74
N ILE A 109 1.50 -14.48 -11.04
CA ILE A 109 0.47 -14.45 -10.02
C ILE A 109 0.30 -15.83 -9.40
N ASN A 110 0.11 -16.84 -10.25
CA ASN A 110 -0.07 -18.20 -9.78
C ASN A 110 1.09 -18.66 -8.92
N GLY A 111 2.31 -18.42 -9.40
CA GLY A 111 3.48 -18.83 -8.67
C GLY A 111 3.61 -18.17 -7.32
N VAL A 112 3.53 -16.85 -7.29
CA VAL A 112 3.64 -16.13 -6.03
C VAL A 112 2.51 -16.48 -5.09
N MET A 113 1.27 -16.44 -5.58
CA MET A 113 0.14 -16.75 -4.72
C MET A 113 0.12 -18.22 -4.31
N GLY A 114 0.59 -19.09 -5.20
CA GLY A 114 0.63 -20.50 -4.86
C GLY A 114 1.55 -20.69 -3.66
N HIS A 115 2.64 -19.93 -3.64
CA HIS A 115 3.62 -20.03 -2.55
C HIS A 115 3.11 -19.50 -1.20
N TYR A 116 2.37 -18.40 -1.23
CA TYR A 116 1.86 -17.81 0.02
C TYR A 116 0.43 -18.17 0.34
N LYS A 117 -0.15 -19.06 -0.45
CA LYS A 117 -1.52 -19.50 -0.21
C LYS A 117 -1.64 -19.93 1.25
N GLY A 118 -2.62 -19.37 1.96
CA GLY A 118 -2.81 -19.72 3.35
C GLY A 118 -1.89 -19.00 4.31
N LYS A 119 -0.92 -18.26 3.79
CA LYS A 119 0.00 -17.52 4.65
C LYS A 119 -0.33 -16.04 4.64
N ILE A 120 -0.58 -15.50 3.45
CA ILE A 120 -0.93 -14.10 3.28
C ILE A 120 -2.37 -14.03 2.79
N ALA A 121 -3.22 -13.33 3.56
CA ALA A 121 -4.64 -13.22 3.24
C ALA A 121 -5.09 -12.04 2.39
N GLN A 122 -4.19 -11.11 2.09
CA GLN A 122 -4.57 -9.98 1.24
C GLN A 122 -3.42 -9.57 0.32
N TRP A 123 -3.77 -9.26 -0.92
CA TRP A 123 -2.80 -8.87 -1.92
C TRP A 123 -3.13 -7.62 -2.69
N ASP A 124 -2.09 -6.84 -2.99
CA ASP A 124 -2.27 -5.67 -3.84
C ASP A 124 -1.98 -6.38 -5.17
N VAL A 125 -3.02 -6.87 -5.81
CA VAL A 125 -2.87 -7.60 -7.07
C VAL A 125 -2.29 -6.72 -8.16
N VAL A 126 -3.00 -5.64 -8.48
CA VAL A 126 -2.53 -4.73 -9.48
C VAL A 126 -2.16 -3.43 -8.78
N ASN A 127 -1.07 -2.83 -9.21
CA ASN A 127 -0.61 -1.60 -8.60
C ASN A 127 -0.38 -0.50 -9.64
N GLU A 128 -0.89 0.69 -9.32
CA GLU A 128 -0.73 1.88 -10.15
C GLU A 128 -0.97 1.69 -11.65
N ALA A 129 -2.17 1.23 -12.00
CA ALA A 129 -2.51 1.00 -13.39
C ALA A 129 -2.99 2.28 -14.10
N PHE A 130 -3.31 3.32 -13.33
CA PHE A 130 -3.78 4.55 -13.96
C PHE A 130 -2.72 5.63 -14.08
N SER A 131 -2.83 6.39 -15.16
CA SER A 131 -1.89 7.47 -15.49
C SER A 131 -1.96 8.68 -14.58
N ASP A 132 -0.89 9.47 -14.59
CA ASP A 132 -0.82 10.70 -13.81
C ASP A 132 -0.82 11.86 -14.80
N ASP A 133 -1.13 11.58 -16.06
CA ASP A 133 -1.12 12.65 -17.05
C ASP A 133 -2.29 13.61 -16.89
N GLY A 134 -3.26 13.25 -16.06
CA GLY A 134 -4.41 14.10 -15.83
C GLY A 134 -5.64 13.74 -16.64
N SER A 135 -5.52 12.72 -17.48
CA SER A 135 -6.62 12.29 -18.33
C SER A 135 -7.55 11.32 -17.59
N GLY A 136 -7.03 10.68 -16.55
CA GLY A 136 -7.83 9.73 -15.80
C GLY A 136 -7.85 8.37 -16.46
N GLY A 137 -7.07 8.24 -17.53
CA GLY A 137 -7.00 6.97 -18.24
C GLY A 137 -5.91 6.05 -17.75
N ARG A 138 -5.84 4.86 -18.35
CA ARG A 138 -4.84 3.87 -17.97
C ARG A 138 -3.44 4.34 -18.27
N ARG A 139 -2.48 3.84 -17.49
CA ARG A 139 -1.07 4.16 -17.67
C ARG A 139 -0.59 3.32 -18.84
N ASP A 140 0.12 3.95 -19.78
CA ASP A 140 0.61 3.22 -20.95
C ASP A 140 1.85 2.39 -20.63
N SER A 141 1.65 1.21 -20.05
CA SER A 141 2.77 0.34 -19.70
C SER A 141 2.76 -0.91 -20.58
N ASN A 142 3.82 -1.70 -20.50
CA ASN A 142 3.89 -2.92 -21.30
C ASN A 142 2.70 -3.82 -21.00
N LEU A 143 2.24 -3.80 -19.75
CA LEU A 143 1.10 -4.61 -19.33
C LEU A 143 -0.18 -4.11 -19.96
N GLN A 144 -0.37 -2.78 -19.94
CA GLN A 144 -1.56 -2.16 -20.50
C GLN A 144 -1.63 -2.43 -22.00
N ARG A 145 -0.48 -2.50 -22.65
CA ARG A 145 -0.41 -2.74 -24.09
C ARG A 145 -0.79 -4.17 -24.47
N THR A 146 -0.91 -5.06 -23.48
CA THR A 146 -1.28 -6.44 -23.75
C THR A 146 -2.80 -6.51 -23.87
N GLY A 147 -3.46 -5.43 -23.48
CA GLY A 147 -4.91 -5.38 -23.55
C GLY A 147 -5.47 -4.62 -22.36
N ASN A 148 -6.55 -3.87 -22.57
CA ASN A 148 -7.17 -3.10 -21.51
C ASN A 148 -7.71 -3.99 -20.39
N ASP A 149 -7.95 -5.25 -20.74
CA ASP A 149 -8.49 -6.23 -19.82
C ASP A 149 -7.44 -6.89 -18.91
N TRP A 150 -6.18 -6.46 -19.02
CA TRP A 150 -5.15 -7.08 -18.19
C TRP A 150 -5.43 -7.00 -16.69
N ILE A 151 -6.04 -5.90 -16.25
CA ILE A 151 -6.36 -5.73 -14.83
C ILE A 151 -7.34 -6.81 -14.39
N GLU A 152 -8.47 -6.88 -15.07
CA GLU A 152 -9.52 -7.85 -14.78
C GLU A 152 -8.93 -9.26 -14.79
N VAL A 153 -8.10 -9.53 -15.79
CA VAL A 153 -7.47 -10.85 -15.91
C VAL A 153 -6.61 -11.14 -14.69
N ALA A 154 -5.91 -10.11 -14.20
CA ALA A 154 -5.05 -10.26 -13.03
C ALA A 154 -5.87 -10.61 -11.80
N PHE A 155 -7.02 -9.97 -11.66
CA PHE A 155 -7.87 -10.24 -10.51
C PHE A 155 -8.53 -11.60 -10.63
N ARG A 156 -8.99 -11.95 -11.83
CA ARG A 156 -9.62 -13.27 -11.99
C ARG A 156 -8.58 -14.35 -11.73
N THR A 157 -7.36 -14.13 -12.20
CA THR A 157 -6.29 -15.11 -12.01
C THR A 157 -5.99 -15.27 -10.52
N ALA A 158 -5.87 -14.14 -9.82
CA ALA A 158 -5.58 -14.14 -8.39
C ALA A 158 -6.64 -14.88 -7.61
N ARG A 159 -7.91 -14.62 -7.91
CA ARG A 159 -8.99 -15.30 -7.21
C ARG A 159 -8.91 -16.80 -7.42
N ALA A 160 -8.68 -17.21 -8.66
CA ALA A 160 -8.58 -18.63 -8.99
C ALA A 160 -7.42 -19.27 -8.25
N ALA A 161 -6.31 -18.54 -8.15
CA ALA A 161 -5.12 -19.05 -7.46
C ALA A 161 -5.35 -19.24 -5.96
N ASP A 162 -6.07 -18.30 -5.36
CA ASP A 162 -6.34 -18.38 -3.93
C ASP A 162 -7.69 -17.71 -3.65
N PRO A 163 -8.76 -18.51 -3.58
CA PRO A 163 -10.11 -17.97 -3.32
C PRO A 163 -10.29 -17.29 -1.96
N ALA A 164 -9.35 -17.47 -1.04
CA ALA A 164 -9.48 -16.88 0.29
C ALA A 164 -8.83 -15.51 0.49
N ALA A 165 -7.95 -15.12 -0.44
CA ALA A 165 -7.26 -13.85 -0.31
C ALA A 165 -8.10 -12.64 -0.68
N LYS A 166 -7.98 -11.58 0.13
CA LYS A 166 -8.69 -10.33 -0.15
C LYS A 166 -7.86 -9.71 -1.28
N LEU A 167 -8.51 -9.38 -2.38
CA LEU A 167 -7.78 -8.82 -3.52
C LEU A 167 -7.97 -7.31 -3.65
N CYS A 168 -6.88 -6.57 -3.48
CA CYS A 168 -6.94 -5.12 -3.57
C CYS A 168 -6.32 -4.53 -4.81
N TYR A 169 -6.87 -3.38 -5.23
CA TYR A 169 -6.32 -2.64 -6.34
C TYR A 169 -5.62 -1.52 -5.56
N ASN A 170 -4.36 -1.25 -5.86
CA ASN A 170 -3.62 -0.21 -5.12
C ASN A 170 -3.14 0.92 -6.01
N ASP A 171 -3.30 2.17 -5.56
CA ASP A 171 -2.85 3.31 -6.36
C ASP A 171 -2.67 4.56 -5.52
N TYR A 172 -2.02 5.57 -6.11
CA TYR A 172 -1.80 6.84 -5.43
C TYR A 172 -2.46 7.97 -6.21
N ASN A 173 -2.57 9.13 -5.58
CA ASN A 173 -3.22 10.29 -6.20
C ASN A 173 -4.66 10.00 -6.58
N ILE A 174 -5.36 9.28 -5.69
CA ILE A 174 -6.78 8.94 -5.87
C ILE A 174 -7.48 9.19 -4.53
N GLU A 175 -6.92 10.09 -3.73
CA GLU A 175 -7.49 10.39 -2.42
C GLU A 175 -8.49 11.52 -2.45
N ASN A 176 -8.60 12.19 -3.60
CA ASN A 176 -9.53 13.30 -3.76
C ASN A 176 -10.50 12.99 -4.90
N TRP A 177 -11.78 13.04 -4.57
CA TRP A 177 -12.83 12.74 -5.53
C TRP A 177 -12.86 13.57 -6.82
N THR A 178 -12.38 14.81 -6.76
CA THR A 178 -12.41 15.68 -7.94
C THR A 178 -11.31 15.41 -8.96
N TRP A 179 -10.34 14.57 -8.61
CA TRP A 179 -9.25 14.29 -9.53
C TRP A 179 -9.65 13.32 -10.64
N ALA A 180 -9.12 13.55 -11.83
CA ALA A 180 -9.40 12.70 -12.97
C ALA A 180 -9.00 11.27 -12.65
N LYS A 181 -7.79 11.12 -12.10
CA LYS A 181 -7.27 9.81 -11.75
C LYS A 181 -8.24 9.07 -10.83
N THR A 182 -8.68 9.73 -9.78
CA THR A 182 -9.63 9.13 -8.83
C THR A 182 -10.88 8.63 -9.56
N GLN A 183 -11.42 9.46 -10.44
CA GLN A 183 -12.60 9.09 -11.19
C GLN A 183 -12.32 7.87 -12.06
N GLY A 184 -11.16 7.88 -12.70
CA GLY A 184 -10.79 6.75 -13.54
C GLY A 184 -10.81 5.46 -12.75
N VAL A 185 -10.21 5.48 -11.56
CA VAL A 185 -10.17 4.29 -10.71
C VAL A 185 -11.56 3.93 -10.19
N TYR A 186 -12.33 4.93 -9.77
CA TYR A 186 -13.66 4.69 -9.25
C TYR A 186 -14.54 3.95 -10.26
N ASN A 187 -14.52 4.41 -11.50
CA ASN A 187 -15.34 3.80 -12.54
C ASN A 187 -14.94 2.36 -12.83
N MET A 188 -13.64 2.07 -12.76
CA MET A 188 -13.17 0.71 -13.01
C MET A 188 -13.72 -0.21 -11.92
N VAL A 189 -13.46 0.17 -10.68
CA VAL A 189 -13.92 -0.61 -9.54
C VAL A 189 -15.43 -0.80 -9.63
N ARG A 190 -16.16 0.29 -9.85
CA ARG A 190 -17.61 0.22 -9.97
C ARG A 190 -18.01 -0.80 -11.04
N ASP A 191 -17.33 -0.73 -12.19
CA ASP A 191 -17.61 -1.64 -13.28
C ASP A 191 -17.31 -3.08 -12.84
N PHE A 192 -16.18 -3.26 -12.18
CA PHE A 192 -15.78 -4.57 -11.69
C PHE A 192 -16.84 -5.17 -10.77
N LYS A 193 -17.37 -4.35 -9.87
CA LYS A 193 -18.39 -4.81 -8.93
C LYS A 193 -19.70 -5.16 -9.63
N GLN A 194 -20.00 -4.45 -10.72
CA GLN A 194 -21.23 -4.70 -11.47
C GLN A 194 -21.17 -6.02 -12.23
N ARG A 195 -20.03 -6.30 -12.84
CA ARG A 195 -19.85 -7.52 -13.63
C ARG A 195 -19.40 -8.74 -12.83
N GLY A 196 -19.06 -8.54 -11.57
CA GLY A 196 -18.63 -9.66 -10.75
C GLY A 196 -17.14 -9.94 -10.80
N VAL A 197 -16.35 -9.00 -11.29
CA VAL A 197 -14.91 -9.21 -11.34
C VAL A 197 -14.43 -9.27 -9.88
N PRO A 198 -13.59 -10.25 -9.54
CA PRO A 198 -13.09 -10.39 -8.18
C PRO A 198 -12.21 -9.25 -7.70
N ILE A 199 -12.76 -8.41 -6.83
CA ILE A 199 -12.00 -7.31 -6.23
C ILE A 199 -12.66 -7.05 -4.88
N ASP A 200 -11.87 -7.11 -3.82
CA ASP A 200 -12.36 -6.94 -2.47
C ASP A 200 -12.00 -5.62 -1.80
N CYS A 201 -10.98 -4.97 -2.31
CA CYS A 201 -10.53 -3.73 -1.68
C CYS A 201 -9.80 -2.76 -2.60
N VAL A 202 -9.76 -1.51 -2.16
CA VAL A 202 -9.07 -0.48 -2.88
C VAL A 202 -8.06 0.11 -1.91
N GLY A 203 -6.81 0.13 -2.32
CA GLY A 203 -5.76 0.66 -1.48
C GLY A 203 -5.46 2.09 -1.90
N PHE A 204 -5.52 3.02 -0.95
CA PHE A 204 -5.22 4.40 -1.23
C PHE A 204 -3.84 4.62 -0.64
N GLN A 205 -2.82 4.62 -1.50
CA GLN A 205 -1.44 4.79 -1.05
C GLN A 205 -1.26 5.94 -0.08
N SER A 206 -1.90 7.06 -0.37
CA SER A 206 -1.84 8.24 0.49
C SER A 206 -0.46 8.80 0.70
N HIS A 207 0.23 9.07 -0.40
CA HIS A 207 1.55 9.70 -0.33
C HIS A 207 1.19 11.17 -0.44
N LEU A 208 0.84 11.74 0.71
CA LEU A 208 0.39 13.12 0.78
C LEU A 208 1.42 14.18 1.12
N ILE A 209 0.98 15.43 1.00
CA ILE A 209 1.78 16.63 1.26
C ILE A 209 1.31 17.28 2.55
N VAL A 210 2.25 17.59 3.43
CA VAL A 210 1.92 18.23 4.69
C VAL A 210 1.17 19.54 4.41
N GLY A 211 0.06 19.75 5.10
CA GLY A 211 -0.72 20.96 4.91
C GLY A 211 -1.58 20.92 3.67
N GLN A 212 -1.52 19.82 2.91
CA GLN A 212 -2.31 19.71 1.69
C GLN A 212 -3.08 18.39 1.59
N VAL A 213 -3.59 17.92 2.70
CA VAL A 213 -4.38 16.69 2.71
C VAL A 213 -5.74 17.01 2.10
N PRO A 214 -6.20 16.22 1.13
CA PRO A 214 -7.49 16.46 0.49
C PRO A 214 -8.58 16.69 1.54
N GLY A 215 -9.32 17.78 1.39
CA GLY A 215 -10.36 18.09 2.35
C GLY A 215 -11.50 17.08 2.43
N ASP A 216 -11.80 16.42 1.31
CA ASP A 216 -12.88 15.44 1.23
C ASP A 216 -12.34 14.02 1.37
N PHE A 217 -11.15 13.88 1.93
CA PHE A 217 -10.53 12.57 2.09
C PHE A 217 -11.50 11.52 2.64
N ARG A 218 -12.21 11.85 3.71
CA ARG A 218 -13.14 10.90 4.31
C ARG A 218 -14.29 10.57 3.35
N GLN A 219 -14.90 11.60 2.78
CA GLN A 219 -16.01 11.39 1.85
C GLN A 219 -15.60 10.51 0.68
N ASN A 220 -14.40 10.77 0.14
CA ASN A 220 -13.89 10.00 -0.99
C ASN A 220 -13.76 8.52 -0.61
N LEU A 221 -13.22 8.27 0.57
CA LEU A 221 -13.03 6.93 1.07
C LEU A 221 -14.38 6.24 1.14
N GLN A 222 -15.36 6.95 1.69
CA GLN A 222 -16.70 6.42 1.82
C GLN A 222 -17.34 6.05 0.48
N ARG A 223 -17.16 6.90 -0.52
CA ARG A 223 -17.74 6.62 -1.83
C ARG A 223 -17.24 5.31 -2.40
N PHE A 224 -15.94 5.04 -2.23
CA PHE A 224 -15.38 3.80 -2.74
C PHE A 224 -15.91 2.63 -1.93
N ALA A 225 -15.98 2.81 -0.61
CA ALA A 225 -16.48 1.77 0.27
C ALA A 225 -17.92 1.43 -0.08
N ASP A 226 -18.69 2.43 -0.50
CA ASP A 226 -20.08 2.21 -0.86
C ASP A 226 -20.23 1.30 -2.07
N LEU A 227 -19.13 1.06 -2.78
CA LEU A 227 -19.15 0.19 -3.96
C LEU A 227 -19.20 -1.26 -3.50
N GLY A 228 -18.97 -1.47 -2.21
CA GLY A 228 -18.99 -2.82 -1.68
C GLY A 228 -17.60 -3.42 -1.54
N VAL A 229 -16.59 -2.55 -1.42
CA VAL A 229 -15.21 -3.02 -1.27
C VAL A 229 -14.63 -2.37 -0.02
N ASP A 230 -13.62 -3.02 0.58
CA ASP A 230 -12.98 -2.46 1.75
C ASP A 230 -12.00 -1.43 1.21
N VAL A 231 -11.65 -0.48 2.06
CA VAL A 231 -10.69 0.55 1.67
C VAL A 231 -9.57 0.53 2.71
N ARG A 232 -8.36 0.83 2.27
CA ARG A 232 -7.22 0.82 3.16
C ARG A 232 -6.24 1.91 2.77
N ILE A 233 -5.59 2.51 3.76
CA ILE A 233 -4.56 3.50 3.50
C ILE A 233 -3.37 2.54 3.55
N THR A 234 -2.70 2.36 2.41
CA THR A 234 -1.63 1.39 2.32
C THR A 234 -0.17 1.81 2.39
N GLU A 235 0.11 3.08 2.09
CA GLU A 235 1.48 3.56 2.09
C GLU A 235 1.56 4.99 2.59
N LEU A 236 0.85 5.27 3.67
CA LEU A 236 0.83 6.60 4.22
C LEU A 236 2.16 7.19 4.68
N ASP A 237 2.40 8.40 4.23
CA ASP A 237 3.55 9.21 4.61
C ASP A 237 3.13 10.59 4.13
N ILE A 238 3.43 11.60 4.95
CA ILE A 238 3.03 12.97 4.62
C ILE A 238 4.28 13.83 4.58
N ARG A 239 4.78 14.04 3.38
CA ARG A 239 6.01 14.78 3.15
C ARG A 239 5.95 16.29 3.25
N MET A 240 7.08 16.86 3.64
CA MET A 240 7.22 18.31 3.78
C MET A 240 8.55 18.68 3.17
N ARG A 241 8.75 19.97 2.93
CA ARG A 241 10.03 20.42 2.39
C ARG A 241 10.95 20.46 3.60
N THR A 242 12.12 19.87 3.46
CA THR A 242 13.08 19.84 4.54
C THR A 242 13.98 21.07 4.49
N PRO A 243 14.60 21.45 5.62
CA PRO A 243 14.54 20.81 6.94
C PRO A 243 13.17 20.96 7.59
N SER A 244 12.88 20.08 8.54
CA SER A 244 11.61 20.14 9.25
C SER A 244 11.79 21.11 10.41
N ASP A 245 10.67 21.63 10.90
CA ASP A 245 10.70 22.54 12.04
C ASP A 245 9.43 22.30 12.85
N ALA A 246 9.40 22.89 14.03
CA ALA A 246 8.27 22.75 14.95
C ALA A 246 6.90 22.96 14.30
N THR A 247 6.77 23.99 13.48
CA THR A 247 5.51 24.30 12.82
C THR A 247 5.10 23.23 11.81
N LYS A 248 6.04 22.81 10.97
CA LYS A 248 5.77 21.80 9.97
C LYS A 248 5.41 20.49 10.67
N LEU A 249 6.14 20.16 11.72
CA LEU A 249 5.89 18.93 12.48
C LEU A 249 4.50 18.93 13.08
N ALA A 250 4.09 20.08 13.61
CA ALA A 250 2.77 20.22 14.21
C ALA A 250 1.70 20.01 13.14
N THR A 251 1.85 20.68 12.01
CA THR A 251 0.90 20.55 10.91
C THR A 251 0.82 19.08 10.50
N GLN A 252 1.99 18.44 10.38
CA GLN A 252 2.06 17.04 9.99
C GLN A 252 1.26 16.19 10.98
N ALA A 253 1.38 16.51 12.26
CA ALA A 253 0.64 15.79 13.29
C ALA A 253 -0.84 15.88 12.98
N ALA A 254 -1.30 17.09 12.67
CA ALA A 254 -2.70 17.34 12.34
C ALA A 254 -3.10 16.59 11.06
N ASP A 255 -2.20 16.54 10.09
CA ASP A 255 -2.50 15.85 8.84
C ASP A 255 -2.66 14.37 9.13
N TYR A 256 -1.76 13.82 9.93
CA TYR A 256 -1.82 12.41 10.29
C TYR A 256 -3.12 12.07 10.99
N LYS A 257 -3.56 12.95 11.88
CA LYS A 257 -4.80 12.69 12.61
C LYS A 257 -5.99 12.71 11.64
N LYS A 258 -6.00 13.66 10.69
CA LYS A 258 -7.09 13.76 9.72
C LYS A 258 -7.22 12.48 8.92
N VAL A 259 -6.11 12.00 8.38
CA VAL A 259 -6.10 10.79 7.58
C VAL A 259 -6.60 9.58 8.36
N VAL A 260 -6.06 9.37 9.55
CA VAL A 260 -6.47 8.24 10.38
C VAL A 260 -7.93 8.41 10.82
N GLN A 261 -8.30 9.62 11.19
CA GLN A 261 -9.66 9.91 11.62
C GLN A 261 -10.64 9.64 10.49
N ALA A 262 -10.21 9.90 9.26
CA ALA A 262 -11.07 9.66 8.11
C ALA A 262 -11.36 8.16 8.00
N CYS A 263 -10.36 7.35 8.31
CA CYS A 263 -10.50 5.90 8.26
C CYS A 263 -11.41 5.42 9.38
N MET A 264 -11.32 6.08 10.53
CA MET A 264 -12.13 5.73 11.68
C MET A 264 -13.60 5.99 11.41
N GLN A 265 -13.89 6.90 10.48
CA GLN A 265 -15.27 7.25 10.16
C GLN A 265 -15.85 6.51 8.96
N VAL A 266 -15.08 5.56 8.44
CA VAL A 266 -15.54 4.75 7.32
C VAL A 266 -15.46 3.32 7.83
N THR A 267 -16.63 2.77 8.16
CA THR A 267 -16.72 1.42 8.69
C THR A 267 -15.90 0.41 7.89
N ARG A 268 -15.93 0.53 6.57
CA ARG A 268 -15.17 -0.40 5.74
C ARG A 268 -13.68 -0.07 5.59
N CYS A 269 -13.19 0.93 6.31
CA CYS A 269 -11.76 1.23 6.23
C CYS A 269 -11.08 0.32 7.24
N GLN A 270 -10.46 -0.73 6.72
CA GLN A 270 -9.80 -1.76 7.52
C GLN A 270 -8.56 -1.38 8.32
N GLY A 271 -7.77 -0.45 7.82
CA GLY A 271 -6.59 -0.07 8.55
C GLY A 271 -5.71 0.92 7.81
N VAL A 272 -4.64 1.32 8.49
CA VAL A 272 -3.69 2.27 7.93
C VAL A 272 -2.29 1.69 8.00
N THR A 273 -1.57 1.80 6.89
CA THR A 273 -0.19 1.33 6.83
C THR A 273 0.64 2.56 6.47
N VAL A 274 1.64 2.86 7.28
CA VAL A 274 2.52 3.98 6.99
C VAL A 274 3.69 3.35 6.25
N TRP A 275 4.17 4.03 5.21
CA TRP A 275 5.24 3.48 4.41
C TRP A 275 6.64 3.64 4.99
N GLY A 276 6.90 2.93 6.07
CA GLY A 276 8.19 2.99 6.72
C GLY A 276 8.06 3.29 8.20
N ILE A 277 9.19 3.27 8.90
CA ILE A 277 9.20 3.53 10.32
C ILE A 277 9.87 4.86 10.63
N THR A 278 11.14 4.98 10.24
CA THR A 278 11.90 6.19 10.48
C THR A 278 12.13 7.00 9.20
N ASP A 279 12.20 8.32 9.36
CA ASP A 279 12.43 9.20 8.22
C ASP A 279 13.75 8.92 7.51
N LYS A 280 14.71 8.32 8.20
CA LYS A 280 15.99 8.10 7.56
C LYS A 280 16.01 7.02 6.48
N TYR A 281 15.00 6.16 6.46
CA TYR A 281 14.93 5.12 5.44
C TYR A 281 13.76 5.33 4.50
N SER A 282 13.18 6.53 4.53
CA SER A 282 12.04 6.82 3.67
C SER A 282 12.46 7.01 2.21
N TRP A 283 11.61 6.51 1.31
CA TRP A 283 11.86 6.61 -0.12
C TRP A 283 11.64 8.03 -0.64
N VAL A 284 10.84 8.79 0.11
CA VAL A 284 10.49 10.15 -0.25
C VAL A 284 11.64 11.03 -0.76
N PRO A 285 12.72 11.19 0.02
CA PRO A 285 13.82 12.03 -0.44
C PRO A 285 14.40 11.62 -1.79
N ASP A 286 14.22 10.35 -2.16
CA ASP A 286 14.74 9.84 -3.42
C ASP A 286 13.82 10.15 -4.59
N VAL A 287 12.51 10.04 -4.39
CA VAL A 287 11.55 10.30 -5.44
C VAL A 287 11.09 11.74 -5.45
N PHE A 288 11.23 12.42 -4.32
CA PHE A 288 10.84 13.81 -4.20
C PHE A 288 11.95 14.62 -3.58
N PRO A 289 12.95 15.01 -4.39
CA PRO A 289 14.08 15.79 -3.90
C PRO A 289 13.66 17.07 -3.18
N GLY A 290 14.28 17.33 -2.04
CA GLY A 290 13.94 18.52 -1.28
C GLY A 290 12.81 18.29 -0.30
N GLU A 291 12.20 17.12 -0.35
CA GLU A 291 11.10 16.80 0.55
C GLU A 291 11.46 15.59 1.41
N GLY A 292 10.79 15.46 2.55
CA GLY A 292 11.09 14.35 3.44
C GLY A 292 10.41 14.42 4.79
N ALA A 293 11.06 13.84 5.80
CA ALA A 293 10.51 13.82 7.16
C ALA A 293 9.03 13.47 7.09
N ALA A 294 8.70 12.47 6.28
CA ALA A 294 7.33 12.06 6.06
C ALA A 294 6.72 11.04 7.03
N LEU A 295 7.54 10.41 7.86
CA LEU A 295 7.04 9.38 8.77
C LEU A 295 6.81 9.80 10.22
N VAL A 296 6.43 8.82 11.05
CA VAL A 296 6.15 9.07 12.46
C VAL A 296 7.38 9.13 13.37
N TRP A 297 8.48 8.55 12.92
CA TRP A 297 9.73 8.58 13.68
C TRP A 297 10.77 9.31 12.84
N ASP A 298 11.57 10.17 13.47
CA ASP A 298 12.58 10.91 12.74
C ASP A 298 13.82 10.06 12.48
N ALA A 299 14.83 10.66 11.85
CA ALA A 299 16.08 9.95 11.52
C ALA A 299 16.84 9.43 12.74
N SER A 300 16.48 9.88 13.94
CA SER A 300 17.16 9.41 15.12
C SER A 300 16.24 8.48 15.91
N TYR A 301 15.20 8.00 15.25
CA TYR A 301 14.23 7.09 15.86
C TYR A 301 13.45 7.71 17.02
N ALA A 302 13.30 9.03 16.99
CA ALA A 302 12.55 9.73 18.01
C ALA A 302 11.13 9.89 17.52
N LYS A 303 10.16 9.68 18.41
CA LYS A 303 8.75 9.83 18.05
C LYS A 303 8.49 11.28 17.66
N LYS A 304 7.74 11.48 16.59
CA LYS A 304 7.41 12.83 16.15
C LYS A 304 6.01 13.16 16.70
N PRO A 305 5.61 14.44 16.64
CA PRO A 305 4.29 14.81 17.14
C PRO A 305 3.17 13.98 16.54
N ALA A 306 3.41 13.46 15.34
CA ALA A 306 2.43 12.65 14.64
C ALA A 306 2.03 11.39 15.42
N TYR A 307 2.98 10.85 16.17
CA TYR A 307 2.70 9.65 16.94
C TYR A 307 1.50 9.83 17.87
N ALA A 308 1.53 10.88 18.70
CA ALA A 308 0.44 11.14 19.63
C ALA A 308 -0.84 11.51 18.89
N ALA A 309 -0.71 12.11 17.71
CA ALA A 309 -1.88 12.49 16.92
C ALA A 309 -2.56 11.23 16.40
N VAL A 310 -1.76 10.25 16.00
CA VAL A 310 -2.30 9.00 15.47
C VAL A 310 -2.99 8.24 16.59
N MET A 311 -2.34 8.21 17.75
CA MET A 311 -2.86 7.54 18.92
C MET A 311 -4.23 8.14 19.25
N GLU A 312 -4.29 9.46 19.19
CA GLU A 312 -5.50 10.21 19.50
C GLU A 312 -6.62 9.94 18.48
N ALA A 313 -6.24 9.89 17.19
CA ALA A 313 -7.20 9.64 16.13
C ALA A 313 -7.88 8.28 16.24
N PHE A 314 -7.13 7.28 16.71
CA PHE A 314 -7.66 5.93 16.86
C PHE A 314 -8.58 5.76 18.06
N GLY A 315 -8.34 6.55 19.11
CA GLY A 315 -9.15 6.42 20.31
C GLY A 315 -10.24 7.44 20.55
N SER A 316 -10.42 8.37 19.62
CA SER A 316 -11.45 9.38 19.80
C SER A 316 -11.80 10.07 18.49
N ARG A 317 -12.89 10.83 18.53
CA ARG A 317 -13.36 11.58 17.37
C ARG A 317 -13.56 13.03 17.77
N SER A 318 -13.26 13.94 16.85
CA SER A 318 -13.42 15.37 17.11
C SER A 318 -14.90 15.73 17.15
#